data_5J1J
#
_entry.id   5J1J
#
_cell.length_a   49.050
_cell.length_b   206.535
_cell.length_c   103.118
_cell.angle_alpha   90.00
_cell.angle_beta   90.00
_cell.angle_gamma   90.00
#
_symmetry.space_group_name_H-M   'C 2 2 21'
#
loop_
_entity.id
_entity.type
_entity.pdbx_description
1 polymer 'Site-determining protein'
2 non-polymer 'PHOSPHOAMINOPHOSPHONIC ACID-ADENYLATE ESTER'
3 non-polymer 'SULFATE ION'
4 non-polymer 'MAGNESIUM ION'
5 water water
#
_entity_poly.entity_id   1
_entity_poly.type   'polypeptide(L)'
_entity_poly.pdbx_seq_one_letter_code
;GPLGSMKQMGSMHPVQVIAVTGGKGGVGKTNVSVNLALALADLGRRVMLLDADLGLANVDVLLGLTPKRTLADVIEGRCE
LRDVLLLGPGGVRIVPAASGTQSMVHLSPMQHAGLIQAFSDISDNLDVLVVDTAAGIGDSVVSFVRAAQEVLLVVCDEPT
SITDAYALIKLLNRDHGMTRFRVLANMAHSPQEGRNLFAKLTKVTDRFLDVALQYVGVIPYDESVRKAVQKQRAVYEAFP
RSKASLAFKAVAQKVDSWPLPANPRGHLEFFVERLVQHPATGSAV
;
_entity_poly.pdbx_strand_id   A,B
#
# COMPACT_ATOMS: atom_id res chain seq x y z
N GLY A 10 12.99 -35.14 13.72
CA GLY A 10 13.91 -36.01 13.02
C GLY A 10 13.53 -36.32 11.59
N SER A 11 14.22 -35.66 10.65
CA SER A 11 14.21 -35.90 9.20
C SER A 11 13.11 -35.12 8.46
N MET A 12 12.48 -34.17 9.14
CA MET A 12 11.77 -33.09 8.44
C MET A 12 11.88 -31.93 9.40
N HIS A 13 12.47 -30.84 8.93
CA HIS A 13 12.65 -29.63 9.73
C HIS A 13 11.57 -28.62 9.35
N PRO A 14 10.73 -28.22 10.33
CA PRO A 14 9.65 -27.28 9.99
C PRO A 14 10.18 -25.88 9.69
N VAL A 15 9.50 -25.19 8.77
CA VAL A 15 9.85 -23.81 8.43
C VAL A 15 8.66 -22.92 8.74
N GLN A 16 8.90 -21.81 9.45
CA GLN A 16 7.83 -20.86 9.70
C GLN A 16 7.69 -19.91 8.51
N VAL A 17 6.46 -19.61 8.09
CA VAL A 17 6.28 -18.69 6.96
C VAL A 17 5.27 -17.63 7.36
N ILE A 18 5.71 -16.38 7.37
CA ILE A 18 4.90 -15.26 7.83
C ILE A 18 4.68 -14.25 6.70
N ALA A 19 3.42 -13.94 6.39
CA ALA A 19 3.13 -12.89 5.43
C ALA A 19 2.76 -11.62 6.19
N VAL A 20 3.53 -10.56 5.93
CA VAL A 20 3.28 -9.27 6.54
C VAL A 20 2.45 -8.41 5.57
N THR A 21 1.27 -8.00 6.02
CA THR A 21 0.34 -7.36 5.10
C THR A 21 -0.45 -6.31 5.87
N GLY A 22 -1.55 -5.82 5.32
CA GLY A 22 -2.34 -4.83 6.05
C GLY A 22 -3.31 -4.02 5.23
N GLY A 23 -3.22 -4.10 3.91
CA GLY A 23 -4.16 -3.41 3.02
C GLY A 23 -3.79 -1.95 2.78
N LYS A 24 -3.81 -1.19 3.87
CA LYS A 24 -3.43 0.22 3.84
C LYS A 24 -2.00 0.43 3.34
N GLY A 25 -1.82 1.43 2.46
CA GLY A 25 -0.48 1.81 2.05
C GLY A 25 0.24 2.57 3.15
N GLY A 26 1.53 2.34 3.28
CA GLY A 26 2.35 3.17 4.15
C GLY A 26 2.19 2.93 5.65
N VAL A 27 1.63 1.79 6.04
CA VAL A 27 1.40 1.48 7.45
C VAL A 27 2.65 0.88 8.12
N GLY A 28 3.66 0.55 7.31
CA GLY A 28 4.92 0.01 7.81
C GLY A 28 5.17 -1.45 7.50
N LYS A 29 4.47 -1.99 6.50
CA LYS A 29 4.63 -3.40 6.12
C LYS A 29 6.09 -3.75 5.85
N THR A 30 6.77 -2.91 5.08
CA THR A 30 8.15 -3.23 4.68
C THR A 30 9.12 -3.01 5.86
N ASN A 31 8.92 -1.94 6.61
CA ASN A 31 9.76 -1.74 7.80
C ASN A 31 9.60 -2.87 8.80
N VAL A 32 8.37 -3.34 8.99
CA VAL A 32 8.12 -4.44 9.91
C VAL A 32 8.75 -5.71 9.38
N SER A 33 8.60 -5.96 8.08
CA SER A 33 9.19 -7.17 7.47
C SER A 33 10.71 -7.21 7.64
N VAL A 34 11.36 -6.11 7.28
CA VAL A 34 12.81 -6.01 7.36
C VAL A 34 13.28 -6.17 8.81
N ASN A 35 12.66 -5.43 9.72
CA ASN A 35 13.21 -5.41 11.07
C ASN A 35 12.79 -6.62 11.90
N LEU A 36 11.65 -7.23 11.59
CA LEU A 36 11.32 -8.52 12.19
C LEU A 36 12.31 -9.58 11.71
N ALA A 37 12.65 -9.56 10.43
CA ALA A 37 13.60 -10.54 9.91
C ALA A 37 14.95 -10.40 10.61
N LEU A 38 15.44 -9.16 10.72
CA LEU A 38 16.71 -8.94 11.41
C LEU A 38 16.65 -9.34 12.88
N ALA A 39 15.55 -9.03 13.56
CA ALA A 39 15.43 -9.38 14.97
C ALA A 39 15.39 -10.91 15.18
N LEU A 40 14.73 -11.62 14.26
CA LEU A 40 14.73 -13.08 14.32
C LEU A 40 16.11 -13.64 14.06
N ALA A 41 16.85 -13.04 13.14
CA ALA A 41 18.20 -13.52 12.86
C ALA A 41 19.06 -13.32 14.10
N ASP A 42 18.82 -12.23 14.82
CA ASP A 42 19.58 -11.88 16.02
C ASP A 42 19.34 -12.89 17.14
N LEU A 43 18.17 -13.53 17.10
CA LEU A 43 17.85 -14.62 18.04
C LEU A 43 18.50 -15.94 17.64
N GLY A 44 19.16 -15.97 16.50
CA GLY A 44 19.87 -17.15 16.06
C GLY A 44 19.18 -17.96 14.98
N ARG A 45 18.03 -17.48 14.51
CA ARG A 45 17.29 -18.18 13.46
C ARG A 45 17.87 -17.92 12.07
N ARG A 46 17.71 -18.91 11.19
CA ARG A 46 18.09 -18.75 9.79
C ARG A 46 16.88 -18.18 9.06
N VAL A 47 17.02 -16.94 8.60
CA VAL A 47 15.90 -16.17 8.09
C VAL A 47 16.05 -15.82 6.61
N MET A 48 14.94 -15.87 5.89
CA MET A 48 14.86 -15.41 4.51
C MET A 48 13.76 -14.37 4.45
N LEU A 49 13.99 -13.33 3.65
CA LEU A 49 13.03 -12.24 3.49
C LEU A 49 12.71 -12.07 2.01
N LEU A 50 11.44 -12.31 1.66
CA LEU A 50 10.96 -12.13 0.29
C LEU A 50 10.25 -10.79 0.15
N ASP A 51 10.74 -9.95 -0.76
CA ASP A 51 10.03 -8.75 -1.15
C ASP A 51 8.94 -9.14 -2.13
N ALA A 52 7.70 -9.22 -1.64
CA ALA A 52 6.58 -9.61 -2.49
C ALA A 52 5.82 -8.39 -3.03
N ASP A 53 6.37 -7.19 -2.84
CA ASP A 53 5.83 -6.03 -3.55
C ASP A 53 6.46 -6.09 -4.94
N LEU A 54 5.92 -6.97 -5.77
CA LEU A 54 6.63 -7.45 -6.95
C LEU A 54 7.05 -6.38 -7.93
N GLY A 55 6.20 -5.37 -8.09
CA GLY A 55 6.46 -4.32 -9.05
C GLY A 55 6.97 -3.01 -8.47
N LEU A 56 6.98 -2.88 -7.14
CA LEU A 56 7.55 -1.69 -6.49
C LEU A 56 8.40 -2.10 -5.31
N ALA A 57 9.50 -2.77 -5.62
CA ALA A 57 10.42 -3.29 -4.61
C ALA A 57 10.90 -2.20 -3.66
N ASN A 58 10.83 -2.48 -2.37
CA ASN A 58 11.35 -1.54 -1.37
C ASN A 58 12.29 -2.15 -0.34
N VAL A 59 12.33 -3.48 -0.20
CA VAL A 59 13.23 -4.09 0.78
C VAL A 59 14.68 -3.72 0.48
N ASP A 60 15.07 -3.84 -0.78
CA ASP A 60 16.43 -3.45 -1.16
C ASP A 60 16.70 -1.98 -0.88
N VAL A 61 15.68 -1.14 -1.06
CA VAL A 61 15.84 0.30 -0.86
C VAL A 61 16.05 0.61 0.62
N LEU A 62 15.29 -0.03 1.50
CA LEU A 62 15.44 0.20 2.93
C LEU A 62 16.79 -0.26 3.45
N LEU A 63 17.42 -1.19 2.74
CA LEU A 63 18.69 -1.77 3.18
C LEU A 63 19.91 -1.24 2.41
N GLY A 64 19.67 -0.43 1.39
CA GLY A 64 20.76 0.14 0.62
C GLY A 64 21.44 -0.89 -0.24
N LEU A 65 20.69 -1.92 -0.62
CA LEU A 65 21.21 -2.96 -1.51
C LEU A 65 20.99 -2.58 -2.96
N THR A 66 21.89 -3.02 -3.83
CA THR A 66 21.75 -2.77 -5.26
C THR A 66 21.76 -4.08 -6.05
N PRO A 67 20.60 -4.74 -6.14
CA PRO A 67 20.49 -6.02 -6.87
C PRO A 67 20.80 -5.86 -8.36
N LYS A 68 21.51 -6.83 -8.95
CA LYS A 68 21.73 -6.85 -10.39
C LYS A 68 20.67 -7.69 -11.08
N ARG A 69 20.10 -8.64 -10.33
CA ARG A 69 19.01 -9.49 -10.80
C ARG A 69 17.91 -9.52 -9.76
N THR A 70 16.68 -9.70 -10.20
CA THR A 70 15.53 -9.71 -9.29
C THR A 70 14.58 -10.84 -9.61
N LEU A 71 13.48 -10.88 -8.86
CA LEU A 71 12.40 -11.81 -9.14
C LEU A 71 11.88 -11.75 -10.58
N ALA A 72 11.95 -10.58 -11.20
CA ALA A 72 11.50 -10.46 -12.58
C ALA A 72 12.33 -11.37 -13.48
N ASP A 73 13.65 -11.41 -13.22
CA ASP A 73 14.51 -12.30 -14.00
C ASP A 73 14.16 -13.78 -13.82
N VAL A 74 13.71 -14.15 -12.62
CA VAL A 74 13.31 -15.53 -12.34
C VAL A 74 12.03 -15.88 -13.06
N ILE A 75 11.01 -15.06 -12.86
CA ILE A 75 9.69 -15.33 -13.40
C ILE A 75 9.71 -15.34 -14.92
N GLU A 76 10.56 -14.50 -15.50
CA GLU A 76 10.65 -14.40 -16.94
C GLU A 76 11.72 -15.31 -17.56
N GLY A 77 12.22 -16.25 -16.76
CA GLY A 77 13.05 -17.32 -17.30
C GLY A 77 14.45 -16.95 -17.73
N ARG A 78 15.09 -16.07 -16.98
CA ARG A 78 16.46 -15.66 -17.28
C ARG A 78 17.47 -16.20 -16.27
N CYS A 79 17.00 -16.52 -15.07
CA CYS A 79 17.88 -17.10 -14.06
C CYS A 79 17.04 -17.87 -13.06
N GLU A 80 17.70 -18.50 -12.10
CA GLU A 80 16.94 -19.22 -11.08
C GLU A 80 16.92 -18.43 -9.80
N LEU A 81 16.02 -18.83 -8.90
CA LEU A 81 15.80 -18.10 -7.66
C LEU A 81 17.10 -17.95 -6.85
N ARG A 82 17.91 -19.00 -6.80
CA ARG A 82 19.14 -18.94 -6.02
C ARG A 82 20.07 -17.82 -6.52
N ASP A 83 20.02 -17.52 -7.81
CA ASP A 83 20.88 -16.48 -8.40
C ASP A 83 20.57 -15.07 -7.90
N VAL A 84 19.38 -14.82 -7.38
CA VAL A 84 19.03 -13.46 -6.98
C VAL A 84 19.14 -13.21 -5.48
N LEU A 85 19.48 -14.25 -4.72
CA LEU A 85 19.59 -14.10 -3.28
C LEU A 85 20.71 -13.14 -2.90
N LEU A 86 20.40 -12.23 -1.98
CA LEU A 86 21.38 -11.29 -1.47
C LEU A 86 21.59 -11.54 0.00
N LEU A 87 22.81 -11.34 0.47
CA LEU A 87 23.08 -11.44 1.89
C LEU A 87 22.86 -10.08 2.52
N GLY A 88 21.89 -10.00 3.43
CA GLY A 88 21.58 -8.76 4.14
C GLY A 88 22.15 -8.76 5.54
N PRO A 89 21.88 -7.71 6.32
CA PRO A 89 22.39 -7.63 7.69
C PRO A 89 21.97 -8.81 8.52
N GLY A 90 22.82 -9.21 9.45
CA GLY A 90 22.50 -10.29 10.36
C GLY A 90 22.47 -11.63 9.67
N GLY A 91 22.82 -11.66 8.38
CA GLY A 91 22.81 -12.89 7.62
C GLY A 91 21.44 -13.24 7.06
N VAL A 92 20.51 -12.28 7.09
CA VAL A 92 19.20 -12.49 6.47
C VAL A 92 19.41 -12.59 4.97
N ARG A 93 18.87 -13.64 4.37
CA ARG A 93 18.95 -13.80 2.92
C ARG A 93 17.73 -13.13 2.29
N ILE A 94 17.98 -12.28 1.31
CA ILE A 94 16.92 -11.46 0.73
C ILE A 94 16.64 -11.87 -0.71
N VAL A 95 15.34 -11.97 -1.01
CA VAL A 95 14.89 -12.17 -2.38
C VAL A 95 14.30 -10.86 -2.87
N PRO A 96 15.03 -10.13 -3.72
CA PRO A 96 14.61 -8.79 -4.14
C PRO A 96 13.57 -8.79 -5.26
N ALA A 97 12.65 -7.82 -5.22
CA ALA A 97 11.62 -7.65 -6.24
C ALA A 97 12.10 -6.66 -7.31
N ALA A 98 11.25 -6.43 -8.31
CA ALA A 98 11.57 -5.48 -9.36
C ALA A 98 10.96 -4.11 -9.07
N SER A 99 11.43 -3.08 -9.74
CA SER A 99 10.89 -1.73 -9.54
C SER A 99 10.41 -1.16 -10.87
N GLY A 100 9.09 -1.18 -11.07
CA GLY A 100 8.52 -0.56 -12.25
C GLY A 100 8.26 -1.52 -13.41
N THR A 101 8.34 -2.82 -13.12
CA THR A 101 8.05 -3.84 -14.13
C THR A 101 6.60 -4.25 -13.90
N GLN A 102 5.68 -3.77 -14.74
CA GLN A 102 4.26 -4.06 -14.60
C GLN A 102 4.01 -5.56 -14.68
N SER A 103 4.50 -6.18 -15.74
CA SER A 103 4.32 -7.62 -15.94
C SER A 103 4.66 -8.38 -14.67
N MET A 104 4.39 -7.77 -13.53
CA MET A 104 4.66 -8.37 -12.24
C MET A 104 3.49 -8.09 -11.31
N VAL A 105 2.68 -7.08 -11.60
CA VAL A 105 1.54 -6.77 -10.74
C VAL A 105 0.24 -7.25 -11.40
N HIS A 106 0.39 -8.28 -12.22
CA HIS A 106 -0.74 -9.04 -12.79
C HIS A 106 -0.32 -10.41 -13.23
N LEU A 107 0.52 -11.09 -12.46
CA LEU A 107 0.89 -12.43 -12.80
C LEU A 107 -0.34 -13.31 -12.70
N SER A 108 -0.40 -14.32 -13.56
CA SER A 108 -1.46 -15.31 -13.52
C SER A 108 -1.34 -16.12 -12.24
N PRO A 109 -2.42 -16.83 -11.86
CA PRO A 109 -2.30 -17.73 -10.72
C PRO A 109 -1.21 -18.77 -10.94
N MET A 110 -0.97 -19.12 -12.21
CA MET A 110 0.08 -20.09 -12.57
C MET A 110 1.46 -19.53 -12.28
N GLN A 111 1.67 -18.28 -12.66
CA GLN A 111 2.96 -17.63 -12.44
C GLN A 111 3.26 -17.43 -10.96
N HIS A 112 2.24 -17.03 -10.19
CA HIS A 112 2.37 -16.98 -8.73
C HIS A 112 2.75 -18.36 -8.20
N ALA A 113 2.05 -19.39 -8.69
CA ALA A 113 2.34 -20.75 -8.25
C ALA A 113 3.79 -21.11 -8.53
N GLY A 114 4.26 -20.79 -9.74
CA GLY A 114 5.63 -21.11 -10.13
C GLY A 114 6.67 -20.46 -9.23
N LEU A 115 6.41 -19.22 -8.83
CA LEU A 115 7.30 -18.51 -7.93
C LEU A 115 7.30 -19.15 -6.55
N ILE A 116 6.12 -19.48 -6.05
CA ILE A 116 6.03 -20.11 -4.73
C ILE A 116 6.76 -21.46 -4.73
N GLN A 117 6.54 -22.24 -5.77
CA GLN A 117 7.17 -23.55 -5.96
C GLN A 117 8.70 -23.45 -5.93
N ALA A 118 9.23 -22.38 -6.51
CA ALA A 118 10.68 -22.21 -6.63
C ALA A 118 11.41 -22.16 -5.29
N PHE A 119 10.71 -21.75 -4.23
CA PHE A 119 11.35 -21.63 -2.93
C PHE A 119 11.76 -22.99 -2.35
N SER A 120 11.13 -24.06 -2.80
CA SER A 120 11.49 -25.39 -2.32
C SER A 120 12.94 -25.74 -2.67
N ASP A 121 13.51 -25.10 -3.68
CA ASP A 121 14.88 -25.41 -4.06
C ASP A 121 15.92 -24.72 -3.18
N ILE A 122 15.49 -23.74 -2.38
CA ILE A 122 16.46 -22.98 -1.58
C ILE A 122 16.11 -23.00 -0.09
N SER A 123 15.47 -24.08 0.33
CA SER A 123 14.93 -24.21 1.68
C SER A 123 15.89 -24.81 2.69
N ASP A 124 17.02 -25.33 2.22
CA ASP A 124 17.97 -25.96 3.14
C ASP A 124 18.44 -24.93 4.15
N ASN A 125 18.63 -25.38 5.40
CA ASN A 125 19.18 -24.51 6.42
C ASN A 125 18.34 -23.24 6.58
N LEU A 126 17.02 -23.41 6.66
CA LEU A 126 16.11 -22.28 6.83
C LEU A 126 15.13 -22.51 7.98
N ASP A 127 14.91 -21.47 8.80
CA ASP A 127 13.97 -21.55 9.90
C ASP A 127 12.71 -20.74 9.67
N VAL A 128 12.85 -19.56 9.06
CA VAL A 128 11.73 -18.65 8.89
CA VAL A 128 11.72 -18.69 8.86
C VAL A 128 11.82 -17.92 7.55
N LEU A 129 10.71 -17.85 6.83
CA LEU A 129 10.56 -16.98 5.68
C LEU A 129 9.58 -15.88 6.07
N VAL A 130 10.01 -14.63 5.89
CA VAL A 130 9.16 -13.47 6.06
C VAL A 130 8.81 -12.93 4.68
N VAL A 131 7.53 -12.67 4.42
CA VAL A 131 7.09 -12.22 3.12
C VAL A 131 6.46 -10.83 3.23
N ASP A 132 7.07 -9.84 2.59
CA ASP A 132 6.59 -8.45 2.65
C ASP A 132 5.59 -8.20 1.53
N THR A 133 4.30 -8.06 1.81
CA THR A 133 3.36 -7.91 0.69
C THR A 133 3.18 -6.47 0.26
N ALA A 134 2.65 -6.30 -0.95
CA ALA A 134 2.27 -5.00 -1.45
C ALA A 134 1.05 -4.46 -0.69
N ALA A 135 0.82 -3.15 -0.83
CA ALA A 135 -0.46 -2.56 -0.42
C ALA A 135 -1.62 -3.12 -1.21
N GLY A 136 -2.80 -3.02 -0.64
CA GLY A 136 -4.03 -3.35 -1.33
C GLY A 136 -4.51 -4.75 -1.08
N ILE A 137 -5.50 -5.16 -1.85
CA ILE A 137 -6.11 -6.49 -1.72
C ILE A 137 -6.11 -7.23 -3.04
N GLY A 138 -5.18 -6.88 -3.92
CA GLY A 138 -5.07 -7.52 -5.22
C GLY A 138 -4.64 -8.97 -5.15
N ASP A 139 -4.66 -9.63 -6.30
CA ASP A 139 -4.38 -11.06 -6.39
C ASP A 139 -3.01 -11.43 -5.88
N SER A 140 -2.02 -10.57 -6.12
CA SER A 140 -0.67 -10.89 -5.65
C SER A 140 -0.68 -10.96 -4.14
N VAL A 141 -1.28 -9.96 -3.51
CA VAL A 141 -1.33 -9.94 -2.05
C VAL A 141 -2.04 -11.18 -1.51
N VAL A 142 -3.22 -11.48 -2.04
CA VAL A 142 -3.98 -12.61 -1.53
C VAL A 142 -3.24 -13.93 -1.79
N SER A 143 -2.61 -14.05 -2.94
CA SER A 143 -1.85 -15.27 -3.21
C SER A 143 -0.71 -15.50 -2.22
N PHE A 144 0.04 -14.44 -1.90
CA PHE A 144 1.17 -14.59 -0.98
C PHE A 144 0.69 -14.80 0.47
N VAL A 145 -0.39 -14.12 0.84
CA VAL A 145 -0.97 -14.35 2.15
C VAL A 145 -1.42 -15.81 2.32
N ARG A 146 -2.11 -16.35 1.32
CA ARG A 146 -2.61 -17.71 1.40
C ARG A 146 -1.48 -18.73 1.31
N ALA A 147 -0.33 -18.31 0.79
CA ALA A 147 0.84 -19.18 0.68
C ALA A 147 1.62 -19.27 1.99
N ALA A 148 1.31 -18.40 2.94
CA ALA A 148 2.00 -18.42 4.23
C ALA A 148 1.23 -19.20 5.30
N GLN A 149 1.88 -19.45 6.43
CA GLN A 149 1.24 -20.11 7.57
C GLN A 149 0.65 -19.12 8.57
N GLU A 150 1.28 -17.97 8.68
CA GLU A 150 0.87 -16.94 9.62
C GLU A 150 0.67 -15.66 8.84
N VAL A 151 -0.43 -14.97 9.12
CA VAL A 151 -0.75 -13.72 8.46
C VAL A 151 -0.68 -12.59 9.48
N LEU A 152 0.26 -11.68 9.29
CA LEU A 152 0.50 -10.61 10.24
C LEU A 152 -0.01 -9.29 9.65
N LEU A 153 -1.13 -8.81 10.17
CA LEU A 153 -1.67 -7.53 9.73
C LEU A 153 -1.00 -6.40 10.50
N VAL A 154 -0.40 -5.47 9.79
CA VAL A 154 0.16 -4.26 10.39
C VAL A 154 -0.90 -3.16 10.30
N VAL A 155 -1.24 -2.59 11.46
CA VAL A 155 -2.32 -1.63 11.56
C VAL A 155 -1.85 -0.42 12.36
N CYS A 156 -2.33 0.76 12.01
CA CYS A 156 -2.08 1.92 12.87
C CYS A 156 -3.40 2.55 13.26
N ASP A 157 -3.35 3.41 14.27
CA ASP A 157 -4.60 3.91 14.85
C ASP A 157 -5.10 5.13 14.10
N GLU A 158 -5.54 4.89 12.86
CA GLU A 158 -6.26 5.88 12.05
C GLU A 158 -7.43 5.17 11.41
N PRO A 159 -8.53 5.88 11.17
CA PRO A 159 -9.74 5.21 10.67
C PRO A 159 -9.49 4.52 9.34
N THR A 160 -8.63 5.07 8.49
CA THR A 160 -8.37 4.43 7.21
C THR A 160 -7.62 3.10 7.33
N SER A 161 -6.67 3.01 8.26
CA SER A 161 -5.98 1.73 8.48
C SER A 161 -6.92 0.69 9.07
N ILE A 162 -7.70 1.08 10.05
CA ILE A 162 -8.67 0.17 10.63
C ILE A 162 -9.65 -0.35 9.58
N THR A 163 -10.16 0.56 8.75
CA THR A 163 -11.09 0.19 7.70
C THR A 163 -10.45 -0.76 6.67
N ASP A 164 -9.22 -0.45 6.25
CA ASP A 164 -8.55 -1.32 5.28
C ASP A 164 -8.18 -2.69 5.85
N ALA A 165 -7.69 -2.72 7.09
CA ALA A 165 -7.37 -3.98 7.72
C ALA A 165 -8.63 -4.84 7.84
N TYR A 166 -9.74 -4.22 8.23
CA TYR A 166 -11.00 -4.93 8.32
C TYR A 166 -11.42 -5.47 6.94
N ALA A 167 -11.25 -4.66 5.91
CA ALA A 167 -11.62 -5.10 4.55
C ALA A 167 -10.83 -6.33 4.12
N LEU A 168 -9.52 -6.34 4.39
CA LEU A 168 -8.68 -7.48 4.06
C LEU A 168 -9.09 -8.72 4.85
N ILE A 169 -9.35 -8.55 6.14
CA ILE A 169 -9.81 -9.65 6.98
C ILE A 169 -11.13 -10.20 6.43
N LYS A 170 -12.05 -9.29 6.09
CA LYS A 170 -13.36 -9.70 5.60
C LYS A 170 -13.25 -10.51 4.31
N LEU A 171 -12.44 -10.02 3.36
CA LEU A 171 -12.26 -10.69 2.07
C LEU A 171 -11.68 -12.08 2.28
N LEU A 172 -10.64 -12.17 3.09
CA LEU A 172 -10.00 -13.47 3.31
C LEU A 172 -10.94 -14.46 4.01
N ASN A 173 -11.70 -13.96 4.97
CA ASN A 173 -12.68 -14.78 5.68
C ASN A 173 -13.85 -15.22 4.78
N ARG A 174 -14.46 -14.26 4.08
CA ARG A 174 -15.65 -14.51 3.25
CA ARG A 174 -15.65 -14.54 3.30
C ARG A 174 -15.35 -15.33 2.00
N ASP A 175 -14.27 -14.97 1.33
CA ASP A 175 -13.97 -15.55 0.03
C ASP A 175 -13.11 -16.80 0.12
N HIS A 176 -12.26 -16.88 1.14
CA HIS A 176 -11.33 -17.99 1.25
C HIS A 176 -11.44 -18.80 2.55
N GLY A 177 -12.38 -18.42 3.41
CA GLY A 177 -12.60 -19.15 4.65
C GLY A 177 -11.49 -19.02 5.69
N MET A 178 -10.58 -18.08 5.52
CA MET A 178 -9.51 -17.86 6.50
CA MET A 178 -9.50 -17.84 6.48
C MET A 178 -10.09 -17.29 7.78
N THR A 179 -9.67 -17.84 8.91
CA THR A 179 -10.28 -17.48 10.19
C THR A 179 -9.35 -16.81 11.18
N ARG A 180 -8.09 -17.19 11.19
CA ARG A 180 -7.17 -16.68 12.21
C ARG A 180 -6.19 -15.66 11.62
N PHE A 181 -5.98 -14.55 12.32
CA PHE A 181 -5.08 -13.49 11.87
C PHE A 181 -4.30 -12.93 13.03
N ARG A 182 -3.00 -12.71 12.84
CA ARG A 182 -2.16 -11.99 13.80
C ARG A 182 -2.21 -10.49 13.54
N VAL A 183 -2.15 -9.68 14.60
CA VAL A 183 -2.23 -8.22 14.46
C VAL A 183 -1.07 -7.55 15.18
N LEU A 184 -0.35 -6.70 14.46
CA LEU A 184 0.75 -5.90 15.01
C LEU A 184 0.44 -4.42 14.83
N ALA A 185 0.36 -3.69 15.94
CA ALA A 185 0.16 -2.25 15.82
C ALA A 185 1.49 -1.57 15.51
N ASN A 186 1.45 -0.48 14.75
CA ASN A 186 2.65 0.27 14.42
C ASN A 186 2.41 1.78 14.55
N MET A 187 3.50 2.52 14.72
CA MET A 187 3.53 3.99 14.86
C MET A 187 2.66 4.49 16.02
N ALA A 188 2.65 3.71 17.11
CA ALA A 188 1.89 4.10 18.28
C ALA A 188 2.57 5.21 19.05
N HIS A 189 1.76 6.06 19.69
CA HIS A 189 2.31 7.17 20.46
C HIS A 189 2.04 7.08 21.96
N SER A 190 1.34 6.04 22.40
CA SER A 190 1.12 5.86 23.84
C SER A 190 1.20 4.37 24.17
N PRO A 191 1.49 4.03 25.45
CA PRO A 191 1.69 2.61 25.79
C PRO A 191 0.47 1.73 25.58
N GLN A 192 -0.73 2.29 25.69
CA GLN A 192 -1.94 1.49 25.58
C GLN A 192 -2.55 1.53 24.18
N GLU A 193 -1.96 2.31 23.29
CA GLU A 193 -2.52 2.51 21.95
C GLU A 193 -2.64 1.21 21.15
N GLY A 194 -1.62 0.34 21.23
CA GLY A 194 -1.65 -0.92 20.52
C GLY A 194 -2.81 -1.80 20.95
N ARG A 195 -2.96 -1.98 22.25
CA ARG A 195 -4.07 -2.80 22.73
C ARG A 195 -5.42 -2.13 22.47
N ASN A 196 -5.49 -0.81 22.56
CA ASN A 196 -6.73 -0.12 22.26
C ASN A 196 -7.12 -0.28 20.79
N LEU A 197 -6.11 -0.26 19.93
CA LEU A 197 -6.32 -0.41 18.50
C LEU A 197 -6.81 -1.82 18.19
N PHE A 198 -6.17 -2.79 18.83
CA PHE A 198 -6.61 -4.18 18.71
C PHE A 198 -8.08 -4.32 19.13
N ALA A 199 -8.47 -3.63 20.20
CA ALA A 199 -9.85 -3.67 20.64
C ALA A 199 -10.83 -3.06 19.64
N LYS A 200 -10.41 -1.97 18.99
CA LYS A 200 -11.23 -1.33 17.96
C LYS A 200 -11.49 -2.32 16.84
N LEU A 201 -10.43 -2.98 16.39
CA LEU A 201 -10.55 -3.92 15.29
C LEU A 201 -11.40 -5.13 15.71
N THR A 202 -11.19 -5.61 16.93
CA THR A 202 -11.96 -6.73 17.46
C THR A 202 -13.45 -6.41 17.56
N LYS A 203 -13.75 -5.15 17.86
CA LYS A 203 -15.14 -4.72 17.98
C LYS A 203 -15.88 -4.90 16.67
N VAL A 204 -15.25 -4.49 15.57
CA VAL A 204 -15.93 -4.57 14.29
CA VAL A 204 -15.87 -4.57 14.26
C VAL A 204 -15.95 -6.02 13.76
N THR A 205 -14.85 -6.75 13.91
CA THR A 205 -14.86 -8.13 13.45
C THR A 205 -15.78 -9.03 14.30
N ASP A 206 -15.89 -8.76 15.60
CA ASP A 206 -16.82 -9.51 16.45
C ASP A 206 -18.26 -9.40 15.97
N ARG A 207 -18.62 -8.21 15.48
CA ARG A 207 -19.99 -7.91 15.13
C ARG A 207 -20.41 -8.53 13.79
N PHE A 208 -19.48 -8.59 12.84
CA PHE A 208 -19.85 -8.96 11.48
C PHE A 208 -19.22 -10.24 10.93
N LEU A 209 -18.11 -10.68 11.52
CA LEU A 209 -17.34 -11.78 10.96
C LEU A 209 -17.26 -12.98 11.92
N ASP A 210 -16.66 -14.05 11.41
CA ASP A 210 -16.30 -15.22 12.22
C ASP A 210 -14.79 -15.38 12.13
N VAL A 211 -14.08 -14.57 12.91
CA VAL A 211 -12.63 -14.62 12.87
C VAL A 211 -12.03 -14.64 14.26
N ALA A 212 -10.78 -15.06 14.31
CA ALA A 212 -10.03 -15.13 15.55
C ALA A 212 -8.79 -14.28 15.41
N LEU A 213 -8.82 -13.10 16.01
CA LEU A 213 -7.68 -12.20 15.96
C LEU A 213 -6.76 -12.49 17.14
N GLN A 214 -5.46 -12.42 16.88
CA GLN A 214 -4.43 -12.60 17.91
C GLN A 214 -3.52 -11.40 17.95
N TYR A 215 -3.46 -10.75 19.10
CA TYR A 215 -2.61 -9.59 19.26
C TYR A 215 -1.15 -9.99 19.46
N VAL A 216 -0.26 -9.43 18.64
CA VAL A 216 1.15 -9.75 18.74
C VAL A 216 1.91 -8.72 19.55
N GLY A 217 1.61 -7.45 19.36
CA GLY A 217 2.36 -6.41 20.04
C GLY A 217 2.28 -5.10 19.30
N VAL A 218 3.20 -4.20 19.61
CA VAL A 218 3.14 -2.86 19.06
C VAL A 218 4.54 -2.29 18.90
N ILE A 219 4.74 -1.64 17.76
CA ILE A 219 5.96 -0.88 17.47
C ILE A 219 5.65 0.60 17.66
N PRO A 220 6.42 1.28 18.51
CA PRO A 220 6.17 2.71 18.73
C PRO A 220 6.60 3.56 17.54
N TYR A 221 5.93 4.68 17.35
CA TYR A 221 6.48 5.71 16.48
C TYR A 221 7.83 6.11 17.05
N ASP A 222 8.85 6.12 16.21
CA ASP A 222 10.21 6.42 16.64
C ASP A 222 10.91 7.21 15.56
N GLU A 223 11.40 8.41 15.89
CA GLU A 223 12.17 9.19 14.93
C GLU A 223 13.38 8.42 14.40
N SER A 224 13.88 7.45 15.18
CA SER A 224 14.99 6.61 14.71
C SER A 224 14.62 5.82 13.45
N VAL A 225 13.35 5.46 13.28
CA VAL A 225 12.95 4.78 12.04
C VAL A 225 13.05 5.75 10.87
N ARG A 226 12.65 7.00 11.09
CA ARG A 226 12.72 8.01 10.05
C ARG A 226 14.17 8.22 9.63
N LYS A 227 15.07 8.26 10.61
CA LYS A 227 16.49 8.46 10.35
C LYS A 227 17.08 7.25 9.62
N ALA A 228 16.66 6.06 10.03
CA ALA A 228 17.16 4.83 9.42
C ALA A 228 16.78 4.75 7.93
N VAL A 229 15.53 5.07 7.64
CA VAL A 229 15.04 5.03 6.27
C VAL A 229 15.85 5.99 5.40
N GLN A 230 16.20 7.16 5.94
CA GLN A 230 17.00 8.13 5.19
C GLN A 230 18.39 7.60 4.87
N LYS A 231 18.97 6.88 5.83
CA LYS A 231 20.30 6.31 5.71
C LYS A 231 20.33 5.02 4.88
N GLN A 232 19.15 4.52 4.57
CA GLN A 232 18.99 3.23 3.90
C GLN A 232 19.70 2.14 4.68
N ARG A 233 19.47 2.15 6.00
CA ARG A 233 19.90 1.08 6.88
C ARG A 233 18.71 0.72 7.76
N ALA A 234 18.58 -0.56 8.13
CA ALA A 234 17.47 -1.00 8.98
C ALA A 234 17.59 -0.35 10.36
N VAL A 235 16.47 0.06 10.96
CA VAL A 235 16.55 0.70 12.26
C VAL A 235 17.12 -0.28 13.30
N TYR A 236 16.85 -1.57 13.13
CA TYR A 236 17.34 -2.58 14.07
C TYR A 236 18.87 -2.61 14.10
N GLU A 237 19.47 -2.33 12.95
CA GLU A 237 20.92 -2.32 12.81
C GLU A 237 21.53 -0.96 13.14
N ALA A 238 20.92 0.10 12.63
CA ALA A 238 21.46 1.46 12.74
C ALA A 238 21.25 2.08 14.11
N PHE A 239 20.14 1.71 14.75
CA PHE A 239 19.77 2.24 16.07
C PHE A 239 19.28 1.10 16.96
N PRO A 240 20.21 0.20 17.35
CA PRO A 240 19.82 -1.03 18.04
C PRO A 240 19.26 -0.79 19.44
N ARG A 241 19.46 0.39 20.00
CA ARG A 241 18.97 0.66 21.36
C ARG A 241 17.75 1.56 21.34
N SER A 242 17.23 1.85 20.14
CA SER A 242 16.08 2.73 20.00
C SER A 242 14.83 2.01 20.51
N LYS A 243 13.81 2.78 20.88
CA LYS A 243 12.55 2.18 21.32
C LYS A 243 11.95 1.27 20.24
N ALA A 244 12.02 1.68 18.98
CA ALA A 244 11.50 0.82 17.91
C ALA A 244 12.29 -0.50 17.83
N SER A 245 13.61 -0.43 17.94
CA SER A 245 14.40 -1.64 17.79
C SER A 245 14.18 -2.60 18.96
N LEU A 246 14.03 -2.04 20.16
CA LEU A 246 13.74 -2.86 21.32
C LEU A 246 12.37 -3.52 21.19
N ALA A 247 11.41 -2.82 20.58
CA ALA A 247 10.08 -3.41 20.36
C ALA A 247 10.14 -4.54 19.33
N PHE A 248 10.96 -4.36 18.29
CA PHE A 248 11.15 -5.44 17.33
C PHE A 248 11.78 -6.67 17.97
N LYS A 249 12.72 -6.47 18.90
CA LYS A 249 13.29 -7.59 19.63
C LYS A 249 12.21 -8.34 20.41
N ALA A 250 11.38 -7.60 21.13
CA ALA A 250 10.27 -8.19 21.89
C ALA A 250 9.29 -8.94 20.98
N VAL A 251 8.95 -8.33 19.85
CA VAL A 251 8.03 -8.99 18.92
C VAL A 251 8.65 -10.27 18.33
N ALA A 252 9.94 -10.23 17.98
CA ALA A 252 10.62 -11.42 17.45
C ALA A 252 10.63 -12.56 18.46
N GLN A 253 10.80 -12.23 19.75
CA GLN A 253 10.79 -13.24 20.78
C GLN A 253 9.41 -13.91 20.86
N LYS A 254 8.35 -13.14 20.67
CA LYS A 254 7.02 -13.71 20.68
CA LYS A 254 7.00 -13.67 20.65
C LYS A 254 6.78 -14.56 19.44
N VAL A 255 7.14 -14.05 18.26
CA VAL A 255 7.03 -14.81 17.02
C VAL A 255 7.79 -16.14 17.11
N ASP A 256 8.99 -16.07 17.68
CA ASP A 256 9.83 -17.26 17.78
C ASP A 256 9.24 -18.33 18.69
N SER A 257 8.30 -17.94 19.53
CA SER A 257 7.72 -18.87 20.51
C SER A 257 6.54 -19.65 19.96
N TRP A 258 6.02 -19.24 18.80
CA TRP A 258 4.91 -19.95 18.17
C TRP A 258 5.38 -21.35 17.78
N PRO A 259 4.68 -22.38 18.28
CA PRO A 259 5.15 -23.76 18.12
C PRO A 259 5.01 -24.30 16.69
N LEU A 260 6.05 -24.98 16.25
CA LEU A 260 6.03 -25.65 14.96
C LEU A 260 5.97 -27.15 15.20
N PRO A 261 5.28 -27.88 14.33
CA PRO A 261 5.29 -29.33 14.51
C PRO A 261 6.72 -29.87 14.41
N ALA A 262 7.11 -30.71 15.36
CA ALA A 262 8.38 -31.39 15.24
C ALA A 262 8.20 -32.51 14.22
N ASN A 263 9.15 -32.62 13.30
CA ASN A 263 9.10 -33.63 12.24
C ASN A 263 7.74 -33.71 11.53
N PRO A 264 7.36 -32.65 10.81
CA PRO A 264 6.08 -32.60 10.09
C PRO A 264 6.08 -33.53 8.88
N ARG A 265 5.38 -34.66 9.00
CA ARG A 265 5.42 -35.70 7.97
C ARG A 265 4.15 -35.75 7.10
N GLY A 266 3.24 -34.80 7.31
CA GLY A 266 2.02 -34.74 6.51
C GLY A 266 0.91 -35.60 7.09
N HIS A 267 -0.33 -35.25 6.76
CA HIS A 267 -1.49 -36.00 7.20
C HIS A 267 -2.58 -35.90 6.13
N LEU A 268 -3.53 -36.83 6.17
CA LEU A 268 -4.68 -36.74 5.27
C LEU A 268 -5.85 -35.99 5.93
N GLU A 269 -6.61 -35.28 5.10
CA GLU A 269 -7.80 -34.59 5.56
C GLU A 269 -9.00 -35.10 4.78
N PHE A 270 -10.17 -35.17 5.42
CA PHE A 270 -11.38 -35.63 4.75
C PHE A 270 -11.70 -34.77 3.53
N PHE A 271 -11.98 -35.43 2.41
CA PHE A 271 -12.38 -34.81 1.14
C PHE A 271 -11.30 -33.90 0.55
N VAL A 272 -10.05 -34.18 0.94
CA VAL A 272 -8.88 -33.51 0.39
C VAL A 272 -8.00 -34.60 -0.24
N GLU A 273 -7.77 -34.48 -1.54
CA GLU A 273 -7.11 -35.56 -2.28
C GLU A 273 -5.65 -35.76 -1.88
N ARG A 274 -4.94 -34.65 -1.75
CA ARG A 274 -3.50 -34.68 -1.55
C ARG A 274 -3.14 -34.56 -0.08
N LEU A 275 -2.08 -35.26 0.30
CA LEU A 275 -1.46 -35.08 1.62
C LEU A 275 -1.31 -33.60 1.97
N VAL A 276 -1.66 -33.26 3.20
CA VAL A 276 -1.47 -31.90 3.70
C VAL A 276 -0.27 -31.89 4.63
N GLN A 277 0.71 -31.04 4.35
CA GLN A 277 1.95 -31.04 5.13
C GLN A 277 2.37 -29.63 5.49
N HIS A 278 2.88 -29.46 6.71
CA HIS A 278 3.45 -28.20 7.14
C HIS A 278 4.70 -27.89 6.32
N PRO A 279 4.96 -26.60 6.06
CA PRO A 279 6.21 -26.18 5.42
C PRO A 279 7.41 -26.79 6.12
N ALA A 280 8.33 -27.35 5.33
CA ALA A 280 9.47 -28.07 5.89
C ALA A 280 10.57 -28.19 4.85
N THR A 281 11.75 -28.59 5.30
CA THR A 281 12.89 -28.75 4.41
C THR A 281 13.53 -30.14 4.53
N GLY A 282 14.48 -30.42 3.64
CA GLY A 282 15.18 -31.69 3.65
C GLY A 282 14.72 -32.61 2.53
N HIS B 13 -17.09 23.87 -22.94
CA HIS B 13 -16.56 23.72 -21.59
C HIS B 13 -15.98 22.31 -21.37
N PRO B 14 -14.69 22.14 -21.67
CA PRO B 14 -14.05 20.86 -21.37
C PRO B 14 -13.76 20.72 -19.87
N VAL B 15 -13.95 19.52 -19.34
CA VAL B 15 -13.71 19.26 -17.93
C VAL B 15 -12.23 19.01 -17.68
N GLN B 16 -11.67 19.67 -16.66
CA GLN B 16 -10.31 19.42 -16.25
CA GLN B 16 -10.31 19.42 -16.24
C GLN B 16 -10.26 18.13 -15.46
N VAL B 17 -9.33 17.24 -15.80
CA VAL B 17 -9.28 15.95 -15.11
C VAL B 17 -7.89 15.72 -14.54
N ILE B 18 -7.81 15.55 -13.23
CA ILE B 18 -6.54 15.38 -12.52
C ILE B 18 -6.50 14.05 -11.81
N ALA B 19 -5.55 13.18 -12.16
CA ALA B 19 -5.36 11.94 -11.44
C ALA B 19 -4.28 12.12 -10.40
N VAL B 20 -4.61 11.82 -9.16
CA VAL B 20 -3.65 11.94 -8.06
C VAL B 20 -3.09 10.56 -7.74
N THR B 21 -1.77 10.41 -7.83
CA THR B 21 -1.19 9.08 -7.80
C THR B 21 0.19 9.17 -7.18
N GLY B 22 0.99 8.12 -7.24
CA GLY B 22 2.34 8.23 -6.69
C GLY B 22 3.07 6.93 -6.48
N GLY B 23 2.37 5.80 -6.62
CA GLY B 23 3.02 4.49 -6.48
C GLY B 23 3.16 4.02 -5.04
N LYS B 24 3.94 4.76 -4.27
CA LYS B 24 4.18 4.46 -2.87
C LYS B 24 2.88 4.54 -2.05
N GLY B 25 2.70 3.58 -1.15
CA GLY B 25 1.59 3.63 -0.22
C GLY B 25 1.79 4.68 0.85
N GLY B 26 0.70 5.32 1.25
CA GLY B 26 0.69 6.21 2.39
C GLY B 26 1.37 7.56 2.22
N VAL B 27 1.61 8.00 0.99
CA VAL B 27 2.32 9.26 0.74
CA VAL B 27 2.32 9.26 0.74
C VAL B 27 1.36 10.45 0.80
N GLY B 28 0.06 10.17 0.89
CA GLY B 28 -0.93 11.22 0.98
C GLY B 28 -1.80 11.41 -0.23
N LYS B 29 -1.94 10.37 -1.07
CA LYS B 29 -2.76 10.50 -2.27
C LYS B 29 -4.20 10.90 -1.95
N THR B 30 -4.81 10.24 -0.97
CA THR B 30 -6.22 10.48 -0.69
C THR B 30 -6.40 11.82 -0.01
N ASN B 31 -5.54 12.15 0.95
CA ASN B 31 -5.60 13.47 1.56
C ASN B 31 -5.43 14.59 0.54
N VAL B 32 -4.49 14.40 -0.38
CA VAL B 32 -4.30 15.42 -1.41
C VAL B 32 -5.53 15.51 -2.31
N SER B 33 -6.09 14.36 -2.71
CA SER B 33 -7.26 14.37 -3.59
C SER B 33 -8.45 15.07 -2.95
N VAL B 34 -8.74 14.72 -1.71
CA VAL B 34 -9.89 15.29 -1.00
C VAL B 34 -9.73 16.80 -0.83
N ASN B 35 -8.56 17.21 -0.36
CA ASN B 35 -8.39 18.60 -0.02
C ASN B 35 -8.09 19.49 -1.22
N LEU B 36 -7.51 18.93 -2.28
CA LEU B 36 -7.43 19.66 -3.55
C LEU B 36 -8.81 19.90 -4.11
N ALA B 37 -9.67 18.88 -4.03
CA ALA B 37 -11.04 19.04 -4.52
C ALA B 37 -11.76 20.16 -3.78
N LEU B 38 -11.64 20.17 -2.47
CA LEU B 38 -12.29 21.21 -1.67
C LEU B 38 -11.72 22.59 -1.95
N ALA B 39 -10.40 22.67 -2.12
CA ALA B 39 -9.77 23.96 -2.41
C ALA B 39 -10.20 24.50 -3.77
N LEU B 40 -10.34 23.61 -4.76
CA LEU B 40 -10.82 24.05 -6.06
C LEU B 40 -12.27 24.50 -5.99
N ALA B 41 -13.07 23.83 -5.16
CA ALA B 41 -14.46 24.28 -4.98
C ALA B 41 -14.50 25.68 -4.34
N ASP B 42 -13.56 25.93 -3.44
CA ASP B 42 -13.43 27.23 -2.78
C ASP B 42 -13.09 28.35 -3.78
N LEU B 43 -12.41 27.98 -4.87
CA LEU B 43 -12.10 28.93 -5.92
C LEU B 43 -13.28 29.19 -6.87
N GLY B 44 -14.37 28.46 -6.67
CA GLY B 44 -15.57 28.66 -7.47
C GLY B 44 -15.86 27.57 -8.49
N ARG B 45 -15.03 26.54 -8.53
CA ARG B 45 -15.20 25.48 -9.52
CA ARG B 45 -15.20 25.47 -9.51
C ARG B 45 -16.20 24.44 -9.03
N ARG B 46 -16.91 23.84 -9.98
CA ARG B 46 -17.79 22.72 -9.70
C ARG B 46 -16.95 21.44 -9.84
N VAL B 47 -16.83 20.71 -8.75
CA VAL B 47 -15.84 19.66 -8.63
C VAL B 47 -16.46 18.31 -8.31
N MET B 48 -15.94 17.27 -8.96
CA MET B 48 -16.28 15.88 -8.66
C MET B 48 -15.00 15.20 -8.22
N LEU B 49 -15.14 14.30 -7.23
CA LEU B 49 -14.02 13.53 -6.72
C LEU B 49 -14.34 12.05 -6.83
N LEU B 50 -13.57 11.34 -7.64
CA LEU B 50 -13.72 9.89 -7.81
C LEU B 50 -12.73 9.18 -6.92
N ASP B 51 -13.23 8.30 -6.06
CA ASP B 51 -12.36 7.38 -5.31
C ASP B 51 -12.03 6.19 -6.20
N ALA B 52 -10.84 6.18 -6.77
CA ALA B 52 -10.48 5.09 -7.65
C ALA B 52 -9.62 4.05 -6.96
N ASP B 53 -9.52 4.10 -5.64
CA ASP B 53 -8.99 2.97 -4.88
C ASP B 53 -10.16 1.99 -4.77
N LEU B 54 -10.42 1.27 -5.85
CA LEU B 54 -11.73 0.67 -6.08
C LEU B 54 -12.14 -0.35 -5.04
N GLY B 55 -11.15 -1.04 -4.45
CA GLY B 55 -11.41 -2.08 -3.47
C GLY B 55 -11.01 -1.72 -2.04
N LEU B 56 -10.37 -0.57 -1.85
CA LEU B 56 -10.07 -0.09 -0.50
C LEU B 56 -10.39 1.38 -0.39
N ALA B 57 -11.67 1.68 -0.55
CA ALA B 57 -12.16 3.06 -0.51
C ALA B 57 -11.73 3.79 0.75
N ASN B 58 -11.14 4.97 0.60
CA ASN B 58 -10.79 5.82 1.75
C ASN B 58 -11.33 7.24 1.68
N VAL B 59 -11.82 7.69 0.53
CA VAL B 59 -12.34 9.06 0.45
C VAL B 59 -13.51 9.25 1.41
N ASP B 60 -14.42 8.29 1.41
CA ASP B 60 -15.55 8.32 2.32
C ASP B 60 -15.08 8.30 3.78
N VAL B 61 -14.02 7.55 4.07
CA VAL B 61 -13.53 7.44 5.44
C VAL B 61 -12.93 8.76 5.92
N LEU B 62 -12.16 9.43 5.06
CA LEU B 62 -11.57 10.70 5.42
C LEU B 62 -12.62 11.79 5.64
N LEU B 63 -13.80 11.62 5.03
CA LEU B 63 -14.90 12.59 5.15
C LEU B 63 -16.01 12.18 6.11
N GLY B 64 -15.91 10.98 6.68
CA GLY B 64 -16.89 10.53 7.66
C GLY B 64 -18.23 10.17 7.02
N LEU B 65 -18.18 9.78 5.75
CA LEU B 65 -19.39 9.41 5.02
C LEU B 65 -19.58 7.91 5.05
N THR B 66 -20.85 7.48 5.02
CA THR B 66 -21.17 6.07 5.06
C THR B 66 -22.07 5.67 3.89
N PRO B 67 -21.46 5.52 2.71
CA PRO B 67 -22.16 5.19 1.47
C PRO B 67 -22.98 3.92 1.59
N LYS B 68 -24.18 4.02 1.06
CA LYS B 68 -25.18 2.97 1.08
C LYS B 68 -24.89 2.07 -0.12
N ARG B 69 -24.59 2.73 -1.24
CA ARG B 69 -24.22 2.06 -2.47
CA ARG B 69 -24.19 2.02 -2.44
C ARG B 69 -22.90 2.63 -2.97
N THR B 70 -22.14 1.82 -3.72
CA THR B 70 -20.82 2.21 -4.20
C THR B 70 -20.62 1.80 -5.65
N LEU B 71 -19.42 2.03 -6.15
CA LEU B 71 -19.08 1.59 -7.50
C LEU B 71 -19.25 0.08 -7.65
N ALA B 72 -19.19 -0.64 -6.54
CA ALA B 72 -19.44 -2.07 -6.59
C ALA B 72 -20.82 -2.34 -7.15
N ASP B 73 -21.80 -1.60 -6.64
CA ASP B 73 -23.18 -1.73 -7.07
C ASP B 73 -23.33 -1.42 -8.56
N VAL B 74 -22.53 -0.47 -9.03
CA VAL B 74 -22.60 -0.07 -10.44
C VAL B 74 -22.07 -1.18 -11.34
N ILE B 75 -20.88 -1.69 -11.02
CA ILE B 75 -20.24 -2.71 -11.83
C ILE B 75 -21.06 -3.99 -11.85
N GLU B 76 -21.71 -4.31 -10.74
CA GLU B 76 -22.50 -5.53 -10.66
C GLU B 76 -23.91 -5.33 -11.24
N GLY B 77 -24.23 -4.11 -11.65
CA GLY B 77 -25.47 -3.81 -12.36
C GLY B 77 -26.70 -3.64 -11.49
N ARG B 78 -26.49 -3.39 -10.21
CA ARG B 78 -27.61 -3.19 -9.29
C ARG B 78 -28.11 -1.76 -9.31
N CYS B 79 -27.25 -0.82 -9.70
CA CYS B 79 -27.70 0.54 -9.93
C CYS B 79 -26.86 1.25 -10.97
N GLU B 80 -27.31 2.44 -11.36
CA GLU B 80 -26.59 3.26 -12.31
C GLU B 80 -25.61 4.16 -11.60
N LEU B 81 -24.60 4.62 -12.34
CA LEU B 81 -23.58 5.49 -11.78
C LEU B 81 -24.18 6.70 -11.08
N ARG B 82 -25.20 7.33 -11.68
CA ARG B 82 -25.82 8.49 -11.06
C ARG B 82 -26.40 8.17 -9.67
N ASP B 83 -26.75 6.91 -9.43
CA ASP B 83 -27.40 6.52 -8.19
C ASP B 83 -26.46 6.41 -6.97
N VAL B 84 -25.14 6.45 -7.19
CA VAL B 84 -24.21 6.28 -6.07
C VAL B 84 -23.51 7.56 -5.68
N LEU B 85 -23.75 8.62 -6.45
CA LEU B 85 -23.16 9.91 -6.17
C LEU B 85 -23.54 10.39 -4.77
N LEU B 86 -22.54 10.92 -4.07
CA LEU B 86 -22.67 11.43 -2.71
C LEU B 86 -22.27 12.89 -2.65
N LEU B 87 -22.85 13.63 -1.72
CA LEU B 87 -22.44 15.02 -1.53
C LEU B 87 -21.39 15.12 -0.44
N GLY B 88 -20.23 15.67 -0.79
CA GLY B 88 -19.20 15.97 0.19
C GLY B 88 -19.31 17.43 0.61
N PRO B 89 -18.31 17.92 1.36
CA PRO B 89 -18.30 19.32 1.79
C PRO B 89 -18.15 20.28 0.62
N GLY B 90 -18.59 21.52 0.82
CA GLY B 90 -18.35 22.58 -0.14
C GLY B 90 -18.99 22.40 -1.50
N GLY B 91 -19.95 21.46 -1.58
CA GLY B 91 -20.61 21.16 -2.83
C GLY B 91 -19.89 20.15 -3.71
N VAL B 92 -18.81 19.56 -3.21
CA VAL B 92 -18.06 18.60 -4.00
C VAL B 92 -18.87 17.31 -4.19
N ARG B 93 -18.92 16.81 -5.42
CA ARG B 93 -19.65 15.57 -5.70
C ARG B 93 -18.70 14.39 -5.59
N ILE B 94 -19.09 13.33 -4.86
CA ILE B 94 -18.21 12.20 -4.59
C ILE B 94 -18.72 10.94 -5.25
N VAL B 95 -17.81 10.21 -5.92
CA VAL B 95 -18.13 8.87 -6.42
C VAL B 95 -17.39 7.88 -5.54
N PRO B 96 -18.12 7.17 -4.66
CA PRO B 96 -17.47 6.29 -3.68
C PRO B 96 -17.11 4.91 -4.21
N ALA B 97 -15.97 4.42 -3.74
CA ALA B 97 -15.48 3.10 -4.09
C ALA B 97 -15.94 2.05 -3.06
N ALA B 98 -15.55 0.80 -3.28
CA ALA B 98 -15.95 -0.29 -2.39
C ALA B 98 -14.86 -0.56 -1.37
N SER B 99 -15.19 -1.27 -0.30
CA SER B 99 -14.19 -1.64 0.70
C SER B 99 -14.23 -3.14 0.94
N GLY B 100 -13.31 -3.85 0.31
CA GLY B 100 -13.17 -5.28 0.56
C GLY B 100 -13.74 -6.16 -0.54
N THR B 101 -14.12 -5.55 -1.66
CA THR B 101 -14.61 -6.29 -2.83
C THR B 101 -13.46 -6.59 -3.79
N GLN B 102 -12.85 -7.77 -3.66
CA GLN B 102 -11.59 -8.05 -4.38
C GLN B 102 -11.70 -7.90 -5.89
N SER B 103 -12.84 -8.33 -6.45
CA SER B 103 -13.07 -8.26 -7.88
C SER B 103 -12.86 -6.86 -8.43
N MET B 104 -13.05 -5.84 -7.59
CA MET B 104 -12.95 -4.46 -8.04
C MET B 104 -11.50 -4.02 -8.29
N VAL B 105 -10.52 -4.80 -7.84
CA VAL B 105 -9.12 -4.39 -8.02
C VAL B 105 -8.49 -5.04 -9.25
N HIS B 106 -9.16 -6.07 -9.78
CA HIS B 106 -8.78 -6.61 -11.08
C HIS B 106 -10.00 -6.66 -11.97
N LEU B 107 -10.36 -5.47 -12.50
CA LEU B 107 -11.41 -5.35 -13.49
C LEU B 107 -10.79 -5.52 -14.86
N SER B 108 -11.55 -6.07 -15.80
CA SER B 108 -11.09 -6.20 -17.17
C SER B 108 -10.88 -4.80 -17.76
N PRO B 109 -10.09 -4.70 -18.84
CA PRO B 109 -9.95 -3.41 -19.52
C PRO B 109 -11.32 -2.89 -19.98
N MET B 110 -12.20 -3.83 -20.29
CA MET B 110 -13.55 -3.51 -20.72
C MET B 110 -14.35 -2.87 -19.59
N GLN B 111 -14.24 -3.43 -18.40
CA GLN B 111 -14.95 -2.88 -17.25
C GLN B 111 -14.38 -1.51 -16.87
N HIS B 112 -13.06 -1.37 -16.94
CA HIS B 112 -12.42 -0.08 -16.65
C HIS B 112 -12.87 0.96 -17.66
N ALA B 113 -12.80 0.60 -18.94
CA ALA B 113 -13.22 1.48 -20.02
C ALA B 113 -14.70 1.83 -19.88
N GLY B 114 -15.52 0.82 -19.61
CA GLY B 114 -16.95 1.02 -19.43
C GLY B 114 -17.26 2.00 -18.31
N LEU B 115 -16.54 1.86 -17.21
CA LEU B 115 -16.69 2.76 -16.07
C LEU B 115 -16.31 4.19 -16.43
N ILE B 116 -15.16 4.34 -17.08
CA ILE B 116 -14.66 5.67 -17.43
C ILE B 116 -15.62 6.33 -18.42
N GLN B 117 -16.07 5.55 -19.40
CA GLN B 117 -17.04 6.02 -20.37
C GLN B 117 -18.35 6.47 -19.72
N ALA B 118 -18.78 5.74 -18.70
CA ALA B 118 -20.04 6.03 -18.03
C ALA B 118 -20.04 7.39 -17.31
N PHE B 119 -18.86 7.96 -17.07
CA PHE B 119 -18.80 9.27 -16.43
C PHE B 119 -19.35 10.37 -17.33
N SER B 120 -19.35 10.13 -18.63
CA SER B 120 -19.88 11.11 -19.57
C SER B 120 -21.36 11.40 -19.32
N ASP B 121 -22.04 10.47 -18.66
CA ASP B 121 -23.47 10.63 -18.38
C ASP B 121 -23.73 11.42 -17.11
N ILE B 122 -22.70 11.64 -16.30
CA ILE B 122 -22.87 12.44 -15.09
C ILE B 122 -21.96 13.68 -15.13
N SER B 123 -21.57 14.07 -16.33
CA SER B 123 -20.61 15.16 -16.53
C SER B 123 -21.25 16.54 -16.54
N ASP B 124 -22.56 16.59 -16.37
CA ASP B 124 -23.28 17.85 -16.48
C ASP B 124 -22.87 18.84 -15.39
N ASN B 125 -22.75 20.10 -15.79
CA ASN B 125 -22.48 21.20 -14.88
C ASN B 125 -21.24 20.99 -14.05
N LEU B 126 -20.17 20.56 -14.71
CA LEU B 126 -18.95 20.14 -14.03
C LEU B 126 -17.75 20.86 -14.62
N ASP B 127 -16.84 21.29 -13.76
CA ASP B 127 -15.61 21.94 -14.20
C ASP B 127 -14.37 21.07 -14.02
N VAL B 128 -14.32 20.28 -12.95
CA VAL B 128 -13.13 19.52 -12.59
C VAL B 128 -13.48 18.16 -12.05
N LEU B 129 -12.76 17.13 -12.50
CA LEU B 129 -12.80 15.81 -11.90
C LEU B 129 -11.41 15.52 -11.30
N VAL B 130 -11.39 15.20 -10.01
CA VAL B 130 -10.18 14.77 -9.30
C VAL B 130 -10.31 13.26 -9.08
N VAL B 131 -9.27 12.51 -9.44
CA VAL B 131 -9.33 11.05 -9.32
C VAL B 131 -8.27 10.57 -8.33
N ASP B 132 -8.69 9.96 -7.23
CA ASP B 132 -7.78 9.43 -6.20
C ASP B 132 -7.39 8.00 -6.55
N THR B 133 -6.13 7.74 -6.87
CA THR B 133 -5.80 6.36 -7.26
C THR B 133 -5.27 5.51 -6.12
N ALA B 134 -5.32 4.20 -6.31
CA ALA B 134 -4.74 3.28 -5.35
C ALA B 134 -3.21 3.37 -5.35
N ALA B 135 -2.61 2.82 -4.30
CA ALA B 135 -1.16 2.59 -4.28
C ALA B 135 -0.77 1.61 -5.38
N GLY B 136 0.49 1.66 -5.80
CA GLY B 136 1.00 0.64 -6.70
C GLY B 136 1.00 1.04 -8.16
N ILE B 137 1.32 0.09 -9.03
CA ILE B 137 1.42 0.35 -10.48
C ILE B 137 0.51 -0.59 -11.22
N GLY B 138 -0.51 -1.04 -10.53
CA GLY B 138 -1.44 -1.96 -11.16
C GLY B 138 -2.37 -1.44 -12.26
N ASP B 139 -3.14 -2.34 -12.86
CA ASP B 139 -3.97 -1.95 -14.01
C ASP B 139 -5.02 -0.90 -13.67
N SER B 140 -5.61 -0.95 -12.48
CA SER B 140 -6.59 0.07 -12.11
C SER B 140 -5.89 1.44 -12.05
N VAL B 141 -4.74 1.49 -11.40
CA VAL B 141 -4.00 2.74 -11.34
C VAL B 141 -3.67 3.26 -12.73
N VAL B 142 -3.07 2.42 -13.56
CA VAL B 142 -2.65 2.86 -14.88
C VAL B 142 -3.85 3.28 -15.73
N SER B 143 -4.95 2.54 -15.64
CA SER B 143 -6.14 2.85 -16.45
C SER B 143 -6.68 4.24 -16.13
N PHE B 144 -6.77 4.58 -14.84
CA PHE B 144 -7.32 5.87 -14.45
C PHE B 144 -6.34 7.01 -14.73
N VAL B 145 -5.06 6.75 -14.51
CA VAL B 145 -4.06 7.78 -14.74
C VAL B 145 -3.97 8.16 -16.23
N ARG B 146 -3.97 7.14 -17.09
CA ARG B 146 -3.94 7.31 -18.53
C ARG B 146 -5.14 8.10 -19.05
N ALA B 147 -6.24 8.04 -18.31
CA ALA B 147 -7.50 8.64 -18.75
C ALA B 147 -7.60 10.10 -18.34
N ALA B 148 -6.60 10.59 -17.60
CA ALA B 148 -6.62 11.96 -17.11
C ALA B 148 -5.79 12.91 -17.97
N GLN B 149 -6.06 14.21 -17.87
CA GLN B 149 -5.28 15.21 -18.60
C GLN B 149 -4.03 15.64 -17.84
N GLU B 150 -4.14 15.61 -16.52
CA GLU B 150 -3.05 15.99 -15.64
C GLU B 150 -2.78 14.85 -14.68
N VAL B 151 -1.50 14.51 -14.52
CA VAL B 151 -1.10 13.46 -13.60
C VAL B 151 -0.33 14.10 -12.46
N LEU B 152 -0.94 14.08 -11.28
CA LEU B 152 -0.33 14.70 -10.13
C LEU B 152 0.35 13.63 -9.26
N LEU B 153 1.68 13.57 -9.32
CA LEU B 153 2.43 12.62 -8.52
C LEU B 153 2.67 13.17 -7.14
N VAL B 154 2.22 12.47 -6.11
CA VAL B 154 2.45 12.86 -4.72
C VAL B 154 3.68 12.09 -4.26
N VAL B 155 4.70 12.83 -3.83
CA VAL B 155 5.99 12.24 -3.47
C VAL B 155 6.41 12.79 -2.13
N CYS B 156 7.11 11.98 -1.35
CA CYS B 156 7.71 12.53 -0.15
C CYS B 156 9.19 12.22 -0.14
N ASP B 157 9.91 12.93 0.71
CA ASP B 157 11.36 12.89 0.65
C ASP B 157 11.94 11.72 1.43
N GLU B 158 11.69 10.52 0.92
CA GLU B 158 12.28 9.28 1.42
C GLU B 158 12.68 8.46 0.21
N PRO B 159 13.75 7.66 0.32
CA PRO B 159 14.21 6.92 -0.85
C PRO B 159 13.16 5.99 -1.45
N THR B 160 12.30 5.41 -0.63
CA THR B 160 11.28 4.51 -1.17
C THR B 160 10.23 5.25 -2.00
N SER B 161 9.82 6.43 -1.57
CA SER B 161 8.86 7.20 -2.33
C SER B 161 9.47 7.73 -3.65
N ILE B 162 10.71 8.22 -3.58
CA ILE B 162 11.39 8.68 -4.79
C ILE B 162 11.53 7.54 -5.80
N THR B 163 11.91 6.37 -5.30
CA THR B 163 12.10 5.19 -6.13
C THR B 163 10.77 4.78 -6.79
N ASP B 164 9.70 4.77 -5.99
CA ASP B 164 8.39 4.36 -6.49
C ASP B 164 7.83 5.34 -7.49
N ALA B 165 8.00 6.64 -7.20
CA ALA B 165 7.55 7.68 -8.12
C ALA B 165 8.29 7.57 -9.45
N TYR B 166 9.60 7.36 -9.39
CA TYR B 166 10.35 7.18 -10.64
C TYR B 166 9.86 5.96 -11.41
N ALA B 167 9.64 4.86 -10.70
CA ALA B 167 9.14 3.64 -11.34
C ALA B 167 7.82 3.89 -12.07
N LEU B 168 6.93 4.62 -11.42
CA LEU B 168 5.62 4.90 -12.01
C LEU B 168 5.75 5.82 -13.23
N ILE B 169 6.56 6.88 -13.11
CA ILE B 169 6.85 7.73 -14.26
C ILE B 169 7.41 6.94 -15.43
N LYS B 170 8.41 6.11 -15.16
CA LYS B 170 9.05 5.32 -16.23
C LYS B 170 8.04 4.39 -16.91
N LEU B 171 7.25 3.71 -16.10
CA LEU B 171 6.20 2.83 -16.59
C LEU B 171 5.16 3.56 -17.46
N LEU B 172 4.65 4.68 -16.95
CA LEU B 172 3.62 5.42 -17.68
C LEU B 172 4.16 5.95 -19.00
N ASN B 173 5.44 6.29 -19.00
CA ASN B 173 6.07 6.87 -20.19
C ASN B 173 6.38 5.78 -21.21
N ARG B 174 7.02 4.72 -20.76
CA ARG B 174 7.50 3.69 -21.68
C ARG B 174 6.41 2.74 -22.16
N ASP B 175 5.40 2.48 -21.33
CA ASP B 175 4.35 1.55 -21.72
C ASP B 175 3.04 2.21 -22.12
N HIS B 176 2.85 3.49 -21.78
CA HIS B 176 1.53 4.07 -21.91
C HIS B 176 1.53 5.46 -22.56
N GLY B 177 2.67 5.85 -23.12
CA GLY B 177 2.79 7.08 -23.87
C GLY B 177 2.62 8.40 -23.14
N MET B 178 2.69 8.39 -21.81
CA MET B 178 2.53 9.63 -21.06
C MET B 178 3.87 10.38 -21.00
N THR B 179 3.82 11.69 -21.23
CA THR B 179 5.05 12.47 -21.34
C THR B 179 5.11 13.73 -20.48
N ARG B 180 4.05 14.04 -19.74
CA ARG B 180 4.03 15.21 -18.86
C ARG B 180 3.48 14.82 -17.50
N PHE B 181 4.15 15.30 -16.44
CA PHE B 181 3.78 14.93 -15.08
C PHE B 181 3.89 16.14 -14.19
N ARG B 182 2.95 16.25 -13.25
CA ARG B 182 3.01 17.24 -12.18
C ARG B 182 3.57 16.56 -10.93
N VAL B 183 4.35 17.29 -10.16
CA VAL B 183 4.94 16.73 -8.94
C VAL B 183 4.63 17.62 -7.74
N LEU B 184 4.02 17.01 -6.73
CA LEU B 184 3.70 17.68 -5.46
C LEU B 184 4.39 16.97 -4.31
N ALA B 185 5.18 17.70 -3.53
CA ALA B 185 5.84 17.11 -2.37
C ALA B 185 4.95 17.20 -1.14
N ASN B 186 4.62 16.06 -0.56
CA ASN B 186 3.78 16.07 0.65
C ASN B 186 4.59 15.75 1.93
N MET B 187 4.05 16.19 3.06
CA MET B 187 4.67 16.02 4.37
C MET B 187 6.09 16.60 4.38
N ALA B 188 6.28 17.70 3.66
CA ALA B 188 7.58 18.37 3.61
C ALA B 188 7.82 19.17 4.88
N HIS B 189 9.06 19.13 5.38
CA HIS B 189 9.38 19.93 6.57
C HIS B 189 9.73 21.37 6.19
N SER B 190 9.96 21.63 4.90
CA SER B 190 10.18 22.99 4.39
C SER B 190 9.92 23.05 2.88
N PRO B 191 9.60 24.25 2.35
CA PRO B 191 9.47 24.33 0.89
C PRO B 191 10.74 23.91 0.17
N GLN B 192 11.89 24.22 0.73
CA GLN B 192 13.14 23.86 0.07
C GLN B 192 13.32 22.35 0.00
N GLU B 193 12.84 21.62 1.01
CA GLU B 193 12.89 20.16 0.97
C GLU B 193 12.15 19.62 -0.25
N GLY B 194 10.99 20.19 -0.55
CA GLY B 194 10.27 19.79 -1.75
C GLY B 194 11.01 20.11 -3.02
N ARG B 195 11.64 21.28 -3.09
CA ARG B 195 12.42 21.66 -4.28
C ARG B 195 13.57 20.70 -4.49
N ASN B 196 14.22 20.31 -3.39
CA ASN B 196 15.34 19.40 -3.49
C ASN B 196 14.88 18.02 -3.98
N LEU B 197 13.71 17.61 -3.50
CA LEU B 197 13.09 16.37 -3.94
C LEU B 197 12.81 16.38 -5.44
N PHE B 198 12.24 17.49 -5.91
CA PHE B 198 11.93 17.66 -7.32
C PHE B 198 13.22 17.63 -8.13
N ALA B 199 14.27 18.24 -7.59
CA ALA B 199 15.56 18.24 -8.26
C ALA B 199 16.09 16.82 -8.46
N LYS B 200 15.92 15.98 -7.45
CA LYS B 200 16.32 14.58 -7.54
C LYS B 200 15.58 13.85 -8.66
N LEU B 201 14.26 14.01 -8.71
CA LEU B 201 13.47 13.36 -9.75
C LEU B 201 13.80 13.89 -11.13
N THR B 202 14.05 15.19 -11.22
CA THR B 202 14.44 15.78 -12.49
C THR B 202 15.74 15.19 -13.01
N LYS B 203 16.72 14.98 -12.13
CA LYS B 203 18.00 14.46 -12.60
C LYS B 203 17.88 13.03 -13.15
N VAL B 204 17.17 12.17 -12.43
CA VAL B 204 17.10 10.78 -12.84
C VAL B 204 16.20 10.66 -14.08
N THR B 205 15.10 11.41 -14.14
CA THR B 205 14.26 11.34 -15.34
C THR B 205 14.94 12.00 -16.53
N ASP B 206 15.74 13.06 -16.31
CA ASP B 206 16.57 13.63 -17.38
C ASP B 206 17.53 12.60 -17.97
N ARG B 207 18.15 11.82 -17.09
CA ARG B 207 19.19 10.89 -17.51
C ARG B 207 18.65 9.74 -18.37
N PHE B 208 17.46 9.24 -18.02
CA PHE B 208 16.98 7.98 -18.58
C PHE B 208 15.73 8.06 -19.44
N LEU B 209 14.98 9.16 -19.33
CA LEU B 209 13.70 9.30 -19.99
C LEU B 209 13.63 10.57 -20.83
N ASP B 210 12.54 10.73 -21.58
CA ASP B 210 12.23 11.98 -22.25
C ASP B 210 10.84 12.40 -21.79
N VAL B 211 10.78 12.98 -20.60
CA VAL B 211 9.53 13.41 -20.01
C VAL B 211 9.66 14.84 -19.49
N ALA B 212 8.52 15.48 -19.28
CA ALA B 212 8.49 16.82 -18.72
C ALA B 212 7.86 16.79 -17.35
N LEU B 213 8.66 17.03 -16.32
CA LEU B 213 8.16 17.14 -14.95
C LEU B 213 7.93 18.60 -14.62
N GLN B 214 6.81 18.88 -13.97
CA GLN B 214 6.49 20.25 -13.59
C GLN B 214 6.15 20.27 -12.11
N TYR B 215 6.86 21.12 -11.38
CA TYR B 215 6.74 21.17 -9.92
C TYR B 215 5.56 22.04 -9.49
N VAL B 216 4.78 21.55 -8.55
CA VAL B 216 3.60 22.28 -8.08
C VAL B 216 3.80 22.85 -6.68
N GLY B 217 4.86 22.45 -6.00
CA GLY B 217 5.08 22.93 -4.65
C GLY B 217 4.93 21.86 -3.60
N VAL B 218 4.68 22.31 -2.38
CA VAL B 218 4.69 21.45 -1.20
C VAL B 218 3.35 21.50 -0.48
N ILE B 219 2.97 20.38 0.13
CA ILE B 219 2.06 20.40 1.28
C ILE B 219 2.93 20.11 2.49
N PRO B 220 2.99 21.02 3.48
CA PRO B 220 3.85 20.80 4.64
C PRO B 220 3.36 19.66 5.52
N TYR B 221 4.28 19.01 6.21
CA TYR B 221 3.88 18.20 7.35
C TYR B 221 3.12 19.10 8.32
N ASP B 222 1.91 18.68 8.69
CA ASP B 222 1.07 19.53 9.54
C ASP B 222 0.29 18.62 10.49
N GLU B 223 0.43 18.85 11.79
CA GLU B 223 -0.34 18.07 12.76
C GLU B 223 -1.83 18.22 12.53
N SER B 224 -2.26 19.33 11.91
CA SER B 224 -3.69 19.49 11.63
C SER B 224 -4.22 18.39 10.72
N VAL B 225 -3.39 17.87 9.82
CA VAL B 225 -3.82 16.77 8.97
C VAL B 225 -4.07 15.51 9.80
N ARG B 226 -3.17 15.23 10.75
CA ARG B 226 -3.37 14.08 11.62
C ARG B 226 -4.64 14.24 12.42
N LYS B 227 -4.88 15.45 12.94
CA LYS B 227 -6.09 15.69 13.71
C LYS B 227 -7.34 15.55 12.83
N ALA B 228 -7.25 16.03 11.60
CA ALA B 228 -8.38 15.96 10.69
C ALA B 228 -8.75 14.52 10.35
N VAL B 229 -7.73 13.70 10.10
CA VAL B 229 -7.96 12.28 9.81
C VAL B 229 -8.66 11.58 11.00
N GLN B 230 -8.24 11.86 12.23
CA GLN B 230 -8.92 11.32 13.41
C GLN B 230 -10.40 11.75 13.49
N LYS B 231 -10.64 13.02 13.18
CA LYS B 231 -12.01 13.58 13.16
C LYS B 231 -12.87 13.06 12.00
N GLN B 232 -12.24 12.47 10.99
CA GLN B 232 -12.89 12.13 9.72
C GLN B 232 -13.60 13.35 9.12
N ARG B 233 -12.88 14.48 9.15
CA ARG B 233 -13.27 15.70 8.43
C ARG B 233 -12.07 16.15 7.63
N ALA B 234 -12.28 16.67 6.42
CA ALA B 234 -11.17 17.17 5.62
C ALA B 234 -10.41 18.27 6.34
N VAL B 235 -9.08 18.24 6.30
CA VAL B 235 -8.30 19.29 6.94
C VAL B 235 -8.69 20.68 6.39
N TYR B 236 -9.03 20.75 5.11
CA TYR B 236 -9.35 22.05 4.50
C TYR B 236 -10.58 22.66 5.12
N GLU B 237 -11.49 21.80 5.58
CA GLU B 237 -12.72 22.21 6.23
C GLU B 237 -12.57 22.38 7.74
N ALA B 238 -11.92 21.40 8.37
CA ALA B 238 -11.82 21.36 9.83
C ALA B 238 -10.82 22.36 10.38
N PHE B 239 -9.75 22.59 9.63
CA PHE B 239 -8.69 23.52 10.02
C PHE B 239 -8.33 24.42 8.86
N PRO B 240 -9.25 25.31 8.48
CA PRO B 240 -9.13 26.08 7.24
C PRO B 240 -7.96 27.05 7.24
N ARG B 241 -7.43 27.37 8.40
CA ARG B 241 -6.34 28.33 8.53
C ARG B 241 -4.99 27.66 8.79
N SER B 242 -4.97 26.32 8.78
CA SER B 242 -3.72 25.59 9.04
C SER B 242 -2.77 25.74 7.87
N LYS B 243 -1.48 25.51 8.13
CA LYS B 243 -0.48 25.62 7.07
C LYS B 243 -0.78 24.65 5.92
N ALA B 244 -1.25 23.45 6.24
CA ALA B 244 -1.61 22.50 5.18
C ALA B 244 -2.76 23.02 4.34
N SER B 245 -3.79 23.57 4.97
CA SER B 245 -4.93 24.07 4.22
C SER B 245 -4.54 25.25 3.33
N LEU B 246 -3.68 26.14 3.85
CA LEU B 246 -3.22 27.27 3.04
C LEU B 246 -2.42 26.77 1.86
N ALA B 247 -1.67 25.67 2.06
CA ALA B 247 -0.89 25.11 0.97
C ALA B 247 -1.79 24.47 -0.08
N PHE B 248 -2.90 23.88 0.35
CA PHE B 248 -3.88 23.35 -0.61
C PHE B 248 -4.52 24.48 -1.42
N LYS B 249 -4.76 25.62 -0.80
CA LYS B 249 -5.26 26.77 -1.55
C LYS B 249 -4.25 27.18 -2.62
N ALA B 250 -2.97 27.16 -2.29
CA ALA B 250 -1.95 27.52 -3.27
C ALA B 250 -1.89 26.54 -4.44
N VAL B 251 -1.95 25.25 -4.13
CA VAL B 251 -1.94 24.23 -5.19
C VAL B 251 -3.17 24.43 -6.08
N ALA B 252 -4.32 24.68 -5.47
CA ALA B 252 -5.55 24.92 -6.23
C ALA B 252 -5.43 26.12 -7.17
N GLN B 253 -4.82 27.20 -6.72
CA GLN B 253 -4.58 28.34 -7.60
C GLN B 253 -3.76 27.94 -8.81
N LYS B 254 -2.72 27.16 -8.59
CA LYS B 254 -1.90 26.69 -9.71
C LYS B 254 -2.68 25.79 -10.66
N VAL B 255 -3.39 24.82 -10.11
CA VAL B 255 -4.17 23.89 -10.92
C VAL B 255 -5.16 24.65 -11.79
N ASP B 256 -5.81 25.64 -11.19
CA ASP B 256 -6.85 26.39 -11.88
C ASP B 256 -6.27 27.23 -13.04
N SER B 257 -4.97 27.49 -12.99
CA SER B 257 -4.30 28.29 -14.01
C SER B 257 -3.86 27.48 -15.23
N TRP B 258 -3.84 26.15 -15.08
CA TRP B 258 -3.38 25.28 -16.16
C TRP B 258 -4.32 25.26 -17.34
N PRO B 259 -3.78 25.37 -18.56
CA PRO B 259 -4.61 25.30 -19.77
C PRO B 259 -5.39 23.98 -19.83
N LEU B 260 -6.63 24.04 -20.32
CA LEU B 260 -7.46 22.84 -20.38
C LEU B 260 -7.04 21.95 -21.54
#